data_2H3R
#
_entry.id   2H3R
#
_cell.length_a   54.926
_cell.length_b   49.240
_cell.length_c   88.915
_cell.angle_alpha   90.00
_cell.angle_beta   105.61
_cell.angle_gamma   90.00
#
_symmetry.space_group_name_H-M   'P 1 2 1'
#
loop_
_entity.id
_entity.type
_entity.pdbx_description
1 polymer 'Hypothetical protein BQLF2'
2 water water
#
_entity_poly.entity_id   1
_entity_poly.type   'polypeptide(L)'
_entity_poly.pdbx_seq_one_letter_code
;(MSE)ASKKPDKTYEE(MSE)VKEVERLKLENKTLKQKVKSSGAVSSDDSILTAAKRESIIVSSSRALGAVA(MSE)RKI
EAKVRSRAAKAVTEQELTSLLQSLTLRVDVS(MSE)EELEHHHHHH
;
_entity_poly.pdbx_strand_id   A,B,C,D
#
# COMPACT_ATOMS: atom_id res chain seq x y z
N ASP A 7 19.87 7.38 -34.29
CA ASP A 7 19.77 6.60 -33.07
C ASP A 7 20.62 7.15 -31.98
N LYS A 8 20.73 6.44 -30.86
CA LYS A 8 21.46 6.99 -29.74
C LYS A 8 22.20 5.95 -28.91
N THR A 9 21.41 5.14 -28.22
CA THR A 9 21.95 4.07 -27.37
C THR A 9 23.04 3.38 -28.19
N TYR A 10 24.06 2.88 -27.49
CA TYR A 10 25.15 2.17 -28.16
C TYR A 10 24.60 0.96 -28.88
N GLU A 11 23.64 0.31 -28.25
CA GLU A 11 23.01 -0.87 -28.84
C GLU A 11 22.53 -0.61 -30.25
N GLU A 12 21.55 0.29 -30.37
CA GLU A 12 20.95 0.67 -31.65
C GLU A 12 21.97 0.94 -32.74
N MSE A 13 22.98 1.75 -32.42
CA MSE A 13 24.02 2.08 -33.36
C MSE A 13 24.80 0.85 -33.85
O MSE A 13 25.02 0.68 -35.05
CB MSE A 13 24.99 3.10 -32.74
CG MSE A 13 24.47 4.53 -32.77
SE MSE A 13 24.31 5.22 -34.59
CE MSE A 13 26.13 5.80 -34.85
N VAL A 14 25.23 0.00 -32.91
CA VAL A 14 25.98 -1.19 -33.30
C VAL A 14 25.06 -2.11 -34.10
N LYS A 15 23.81 -2.25 -33.65
CA LYS A 15 22.87 -3.08 -34.39
C LYS A 15 22.75 -2.54 -35.81
N GLU A 16 22.60 -1.22 -35.92
CA GLU A 16 22.48 -0.56 -37.21
C GLU A 16 23.71 -0.75 -38.08
N VAL A 17 24.88 -0.43 -37.52
CA VAL A 17 26.15 -0.55 -38.25
C VAL A 17 26.40 -1.96 -38.77
N GLU A 18 26.17 -2.96 -37.93
CA GLU A 18 26.37 -4.35 -38.30
C GLU A 18 25.38 -4.72 -39.40
N ARG A 19 24.14 -4.29 -39.24
CA ARG A 19 23.08 -4.53 -40.22
C ARG A 19 23.49 -4.04 -41.60
N LEU A 20 24.16 -2.89 -41.65
CA LEU A 20 24.60 -2.33 -42.92
C LEU A 20 25.85 -3.02 -43.45
N LYS A 21 26.66 -3.60 -42.57
CA LYS A 21 27.88 -4.28 -43.01
C LYS A 21 27.51 -5.64 -43.60
N LEU A 22 26.42 -6.22 -43.09
CA LEU A 22 25.93 -7.49 -43.58
C LEU A 22 25.24 -7.27 -44.94
N GLU A 23 24.37 -6.28 -45.00
CA GLU A 23 23.70 -5.97 -46.25
C GLU A 23 24.76 -5.52 -47.24
N ASN A 24 25.83 -4.91 -46.72
CA ASN A 24 26.90 -4.44 -47.60
C ASN A 24 27.65 -5.63 -48.19
N LYS A 25 27.76 -6.71 -47.44
CA LYS A 25 28.45 -7.88 -47.94
C LYS A 25 27.58 -8.52 -49.01
N THR A 26 26.36 -8.90 -48.64
CA THR A 26 25.44 -9.50 -49.60
C THR A 26 25.58 -8.79 -50.94
N LEU A 27 25.49 -7.46 -50.90
CA LEU A 27 25.60 -6.68 -52.13
C LEU A 27 26.92 -6.90 -52.86
N LYS A 28 28.03 -7.03 -52.13
CA LYS A 28 29.32 -7.28 -52.76
C LYS A 28 29.35 -8.73 -53.25
N GLN A 29 28.58 -9.58 -52.58
CA GLN A 29 28.50 -10.97 -52.96
C GLN A 29 27.71 -11.05 -54.26
N LYS A 30 26.68 -10.22 -54.37
CA LYS A 30 25.87 -10.20 -55.58
C LYS A 30 26.71 -9.91 -56.80
N VAL A 31 27.59 -8.91 -56.74
CA VAL A 31 28.43 -8.60 -57.90
C VAL A 31 29.33 -9.80 -58.23
N SER A 39 34.02 -9.91 -54.67
CA SER A 39 35.43 -9.76 -54.28
C SER A 39 35.77 -8.33 -53.90
N ASP A 40 35.35 -7.93 -52.71
CA ASP A 40 35.64 -6.59 -52.23
C ASP A 40 35.70 -6.65 -50.70
N ASP A 41 36.62 -7.48 -50.22
CA ASP A 41 36.82 -7.66 -48.78
C ASP A 41 38.22 -7.25 -48.38
N SER A 42 38.32 -6.02 -47.88
CA SER A 42 39.59 -5.46 -47.45
C SER A 42 40.09 -6.04 -46.14
N ILE A 43 41.38 -5.87 -45.90
CA ILE A 43 42.02 -6.33 -44.69
C ILE A 43 41.77 -5.26 -43.62
N LEU A 44 41.51 -5.69 -42.39
CA LEU A 44 41.25 -4.79 -41.28
C LEU A 44 42.49 -3.96 -40.93
N THR A 45 42.28 -2.72 -40.50
CA THR A 45 43.37 -1.84 -40.11
C THR A 45 43.43 -1.85 -38.58
N ALA A 46 44.63 -1.66 -38.01
CA ALA A 46 44.78 -1.68 -36.56
C ALA A 46 43.72 -0.84 -35.86
N ALA A 47 43.47 0.37 -36.40
CA ALA A 47 42.48 1.26 -35.82
C ALA A 47 41.07 0.74 -36.04
N LYS A 48 40.78 0.36 -37.28
CA LYS A 48 39.46 -0.16 -37.66
C LYS A 48 39.07 -1.30 -36.74
N ARG A 49 39.96 -2.29 -36.61
CA ARG A 49 39.66 -3.43 -35.75
C ARG A 49 39.36 -2.99 -34.32
N GLU A 50 40.26 -2.18 -33.77
CA GLU A 50 40.12 -1.68 -32.43
C GLU A 50 38.82 -0.90 -32.26
N SER A 51 38.48 -0.12 -33.27
CA SER A 51 37.25 0.66 -33.25
C SER A 51 36.05 -0.30 -33.17
N ILE A 52 36.09 -1.36 -33.96
CA ILE A 52 35.03 -2.35 -33.97
C ILE A 52 34.94 -3.08 -32.63
N ILE A 53 36.08 -3.32 -32.00
CA ILE A 53 36.09 -4.01 -30.73
C ILE A 53 35.55 -3.12 -29.60
N VAL A 54 35.95 -1.86 -29.56
CA VAL A 54 35.45 -0.96 -28.52
C VAL A 54 33.93 -0.77 -28.62
N SER A 55 33.40 -0.72 -29.84
CA SER A 55 31.96 -0.55 -30.05
C SER A 55 31.17 -1.78 -29.62
N SER A 56 31.51 -2.91 -30.23
CA SER A 56 30.83 -4.17 -29.93
C SER A 56 30.81 -4.42 -28.42
N SER A 57 31.95 -4.20 -27.77
CA SER A 57 32.06 -4.41 -26.34
C SER A 57 31.04 -3.54 -25.63
N ARG A 58 31.04 -2.26 -25.97
CA ARG A 58 30.11 -1.34 -25.35
C ARG A 58 28.66 -1.71 -25.57
N ALA A 59 28.31 -2.11 -26.79
CA ALA A 59 26.95 -2.53 -27.09
C ALA A 59 26.61 -3.72 -26.21
N LEU A 60 27.45 -4.75 -26.25
CA LEU A 60 27.22 -5.94 -25.43
C LEU A 60 27.25 -5.57 -23.94
N GLY A 61 27.98 -4.49 -23.62
CA GLY A 61 28.06 -4.04 -22.24
C GLY A 61 26.70 -3.53 -21.80
N ALA A 62 26.03 -2.81 -22.69
CA ALA A 62 24.70 -2.24 -22.41
C ALA A 62 23.72 -3.37 -22.13
N VAL A 63 23.76 -4.41 -22.95
CA VAL A 63 22.88 -5.56 -22.77
C VAL A 63 23.19 -6.15 -21.40
N ALA A 64 24.47 -6.28 -21.10
CA ALA A 64 24.88 -6.81 -19.81
C ALA A 64 24.36 -5.92 -18.68
N MSE A 65 24.49 -4.61 -18.86
CA MSE A 65 24.00 -3.67 -17.84
C MSE A 65 22.53 -3.92 -17.52
O MSE A 65 22.21 -4.28 -16.37
CB MSE A 65 24.18 -2.23 -18.31
CG MSE A 65 25.09 -1.39 -17.41
SE MSE A 65 24.73 -1.54 -15.51
CE MSE A 65 22.88 -1.01 -15.46
N ARG A 66 21.64 -3.74 -18.50
CA ARG A 66 20.21 -3.93 -18.23
C ARG A 66 19.81 -5.31 -17.74
N LYS A 67 20.48 -6.37 -18.20
CA LYS A 67 20.13 -7.70 -17.67
C LYS A 67 20.51 -7.75 -16.20
N ILE A 68 21.72 -7.25 -15.89
CA ILE A 68 22.21 -7.22 -14.52
C ILE A 68 21.30 -6.44 -13.58
N GLU A 69 20.89 -5.26 -14.00
CA GLU A 69 20.00 -4.44 -13.16
C GLU A 69 18.71 -5.20 -12.91
N ALA A 70 18.16 -5.79 -13.97
CA ALA A 70 16.93 -6.54 -13.85
C ALA A 70 17.06 -7.64 -12.80
N LYS A 71 18.04 -8.53 -12.99
CA LYS A 71 18.26 -9.65 -12.05
C LYS A 71 18.49 -9.18 -10.62
N VAL A 72 19.38 -8.21 -10.47
CA VAL A 72 19.65 -7.66 -9.16
C VAL A 72 18.38 -7.16 -8.54
N ARG A 73 17.72 -6.22 -9.23
CA ARG A 73 16.48 -5.66 -8.74
C ARG A 73 15.51 -6.80 -8.38
N SER A 74 15.51 -7.84 -9.21
CA SER A 74 14.65 -9.00 -9.00
C SER A 74 15.02 -9.78 -7.73
N ARG A 75 16.30 -10.06 -7.55
CA ARG A 75 16.77 -10.83 -6.39
C ARG A 75 16.89 -10.07 -5.07
N ALA A 76 16.87 -8.75 -5.12
CA ALA A 76 16.99 -7.95 -3.91
C ALA A 76 15.62 -7.59 -3.38
N ALA A 77 14.59 -7.84 -4.18
CA ALA A 77 13.22 -7.51 -3.80
C ALA A 77 12.80 -8.00 -2.41
N LYS A 78 13.26 -9.18 -2.02
CA LYS A 78 12.89 -9.72 -0.73
C LYS A 78 13.48 -8.97 0.47
N ALA A 79 14.60 -8.28 0.25
CA ALA A 79 15.22 -7.53 1.35
C ALA A 79 14.30 -6.41 1.81
N VAL A 80 14.34 -6.12 3.11
CA VAL A 80 13.48 -5.12 3.72
C VAL A 80 14.24 -4.17 4.64
N THR A 81 15.51 -4.50 4.88
CA THR A 81 16.33 -3.68 5.74
C THR A 81 17.61 -3.29 5.02
N GLU A 82 18.28 -2.25 5.50
CA GLU A 82 19.54 -1.79 4.90
C GLU A 82 20.57 -2.89 5.00
N GLN A 83 20.56 -3.58 6.15
CA GLN A 83 21.47 -4.67 6.43
C GLN A 83 21.17 -5.82 5.48
N GLU A 84 19.91 -6.24 5.44
CA GLU A 84 19.51 -7.34 4.56
C GLU A 84 19.88 -7.01 3.11
N LEU A 85 19.50 -5.83 2.65
CA LEU A 85 19.80 -5.43 1.29
C LEU A 85 21.29 -5.48 0.98
N THR A 86 22.11 -4.93 1.87
CA THR A 86 23.55 -4.90 1.68
C THR A 86 24.13 -6.31 1.75
N SER A 87 23.57 -7.13 2.64
CA SER A 87 24.01 -8.49 2.81
C SER A 87 23.73 -9.32 1.56
N LEU A 88 22.51 -9.19 1.05
CA LEU A 88 22.10 -9.92 -0.14
C LEU A 88 22.92 -9.54 -1.37
N LEU A 89 23.08 -8.24 -1.60
CA LEU A 89 23.83 -7.76 -2.75
C LEU A 89 25.24 -8.32 -2.77
N GLN A 90 25.94 -8.19 -1.65
CA GLN A 90 27.31 -8.66 -1.56
C GLN A 90 27.46 -10.13 -1.96
N SER A 91 26.55 -10.97 -1.48
CA SER A 91 26.60 -12.40 -1.77
C SER A 91 26.12 -12.75 -3.18
N LEU A 92 25.71 -11.76 -3.95
CA LEU A 92 25.22 -11.97 -5.31
C LEU A 92 26.27 -12.31 -6.35
N THR A 93 25.97 -13.34 -7.13
CA THR A 93 26.83 -13.77 -8.22
C THR A 93 25.85 -13.97 -9.37
N LEU A 94 26.10 -13.33 -10.51
CA LEU A 94 25.18 -13.45 -11.63
C LEU A 94 25.85 -13.94 -12.89
N ARG A 95 25.24 -14.93 -13.53
CA ARG A 95 25.77 -15.45 -14.78
C ARG A 95 24.96 -14.75 -15.87
N VAL A 96 25.63 -14.07 -16.79
CA VAL A 96 24.91 -13.37 -17.82
C VAL A 96 25.33 -13.74 -19.23
N ASP A 97 24.33 -14.02 -20.06
CA ASP A 97 24.52 -14.36 -21.46
C ASP A 97 24.28 -13.08 -22.26
N VAL A 98 25.16 -12.78 -23.21
CA VAL A 98 24.99 -11.60 -24.03
C VAL A 98 25.23 -11.96 -25.51
N SER A 99 24.41 -11.40 -26.38
CA SER A 99 24.53 -11.69 -27.81
C SER A 99 24.40 -10.47 -28.67
N MSE A 100 25.12 -10.46 -29.78
CA MSE A 100 25.06 -9.36 -30.74
C MSE A 100 23.66 -9.33 -31.34
O MSE A 100 23.16 -8.30 -31.77
CB MSE A 100 26.07 -9.56 -31.88
CG MSE A 100 27.48 -9.14 -31.57
SE MSE A 100 27.70 -7.22 -31.37
CE MSE A 100 27.60 -6.72 -33.25
N GLU A 101 23.00 -10.49 -31.35
CA GLU A 101 21.67 -10.51 -31.90
C GLU A 101 20.60 -10.13 -30.90
N GLU A 102 21.01 -9.69 -29.70
CA GLU A 102 20.08 -9.25 -28.67
C GLU A 102 19.99 -7.73 -28.57
N LEU A 103 20.69 -7.03 -29.45
CA LEU A 103 20.63 -5.57 -29.45
C LEU A 103 19.20 -5.08 -29.80
N LYS B 8 -8.60 -6.08 -17.94
CA LYS B 8 -9.09 -6.16 -16.57
C LYS B 8 -7.99 -6.81 -15.75
N THR B 9 -7.13 -7.57 -16.42
CA THR B 9 -6.02 -8.22 -15.74
C THR B 9 -5.07 -7.13 -15.27
N TYR B 10 -4.93 -6.10 -16.10
CA TYR B 10 -4.08 -4.96 -15.79
C TYR B 10 -4.70 -4.13 -14.68
N GLU B 11 -5.99 -3.87 -14.80
CA GLU B 11 -6.71 -3.09 -13.79
C GLU B 11 -6.51 -3.76 -12.44
N GLU B 12 -6.57 -5.09 -12.42
CA GLU B 12 -6.40 -5.82 -11.18
C GLU B 12 -5.00 -5.62 -10.62
N MSE B 13 -3.97 -5.76 -11.45
CA MSE B 13 -2.61 -5.54 -10.99
C MSE B 13 -2.52 -4.15 -10.35
O MSE B 13 -2.00 -4.01 -9.24
CB MSE B 13 -1.63 -5.63 -12.15
CG MSE B 13 -1.16 -7.02 -12.46
SE MSE B 13 0.40 -6.93 -13.59
CE MSE B 13 -0.48 -6.55 -15.27
N VAL B 14 -3.03 -3.16 -11.06
CA VAL B 14 -3.03 -1.79 -10.59
C VAL B 14 -3.60 -1.70 -9.17
N LYS B 15 -4.61 -2.53 -8.90
CA LYS B 15 -5.25 -2.56 -7.59
C LYS B 15 -4.39 -3.41 -6.66
N GLU B 16 -3.84 -4.49 -7.20
CA GLU B 16 -3.01 -5.39 -6.43
C GLU B 16 -1.83 -4.60 -5.88
N VAL B 17 -1.25 -3.76 -6.73
CA VAL B 17 -0.10 -2.95 -6.35
C VAL B 17 -0.41 -2.01 -5.19
N GLU B 18 -1.55 -1.35 -5.29
CA GLU B 18 -1.98 -0.42 -4.26
C GLU B 18 -2.33 -1.19 -2.99
N ARG B 19 -3.00 -2.32 -3.17
CA ARG B 19 -3.41 -3.14 -2.05
C ARG B 19 -2.17 -3.62 -1.29
N LEU B 20 -1.23 -4.21 -2.02
CA LEU B 20 0.01 -4.70 -1.43
C LEU B 20 0.82 -3.57 -0.82
N LYS B 21 0.76 -2.39 -1.43
CA LYS B 21 1.49 -1.23 -0.89
C LYS B 21 0.90 -0.80 0.44
N LEU B 22 -0.39 -1.04 0.63
CA LEU B 22 -1.05 -0.70 1.88
C LEU B 22 -0.65 -1.73 2.91
N GLU B 23 -0.67 -3.01 2.53
CA GLU B 23 -0.31 -4.06 3.46
C GLU B 23 1.16 -3.91 3.87
N ASN B 24 2.04 -3.90 2.87
CA ASN B 24 3.47 -3.76 3.09
C ASN B 24 3.81 -2.71 4.14
N LYS B 25 3.24 -1.52 3.97
CA LYS B 25 3.48 -0.43 4.89
C LYS B 25 3.13 -0.81 6.33
N THR B 26 1.91 -1.31 6.56
CA THR B 26 1.51 -1.67 7.90
C THR B 26 2.43 -2.74 8.47
N LEU B 27 2.80 -3.71 7.63
CA LEU B 27 3.68 -4.77 8.04
C LEU B 27 5.01 -4.14 8.46
N LYS B 28 5.46 -3.14 7.70
CA LYS B 28 6.71 -2.45 8.01
C LYS B 28 6.57 -1.74 9.36
N GLN B 29 5.38 -1.22 9.63
CA GLN B 29 5.12 -0.50 10.87
C GLN B 29 5.18 -1.42 12.10
N LYS B 30 4.46 -2.54 12.04
CA LYS B 30 4.47 -3.48 13.15
C LYS B 30 5.91 -3.92 13.39
N VAL B 31 6.71 -3.96 12.33
CA VAL B 31 8.08 -4.37 12.49
C VAL B 31 8.85 -3.32 13.27
N LYS B 32 8.46 -2.06 13.18
CA LYS B 32 9.21 -1.06 13.95
C LYS B 32 8.91 -1.28 15.44
N SER B 33 7.70 -1.74 15.74
CA SER B 33 7.28 -2.04 17.10
C SER B 33 7.84 -3.39 17.57
N SER B 34 9.17 -3.54 17.59
CA SER B 34 9.79 -4.80 18.04
C SER B 34 11.15 -5.07 17.38
N SER B 42 18.15 -1.54 9.52
CA SER B 42 16.97 -0.68 9.59
C SER B 42 16.10 -0.69 8.32
N ILE B 43 14.78 -0.63 8.51
CA ILE B 43 13.86 -0.68 7.39
C ILE B 43 14.25 0.23 6.24
N LEU B 44 14.26 -0.36 5.06
CA LEU B 44 14.64 0.30 3.82
C LEU B 44 13.49 1.12 3.24
N THR B 45 13.77 2.36 2.84
CA THR B 45 12.74 3.20 2.23
C THR B 45 12.79 2.98 0.72
N ALA B 46 11.67 3.23 0.05
CA ALA B 46 11.56 3.04 -1.40
C ALA B 46 12.72 3.59 -2.22
N ALA B 47 12.85 4.92 -2.23
CA ALA B 47 13.91 5.58 -2.98
C ALA B 47 15.30 5.21 -2.48
N LYS B 48 15.39 4.85 -1.21
CA LYS B 48 16.68 4.47 -0.63
C LYS B 48 17.21 3.22 -1.34
N ARG B 49 16.39 2.17 -1.38
CA ARG B 49 16.80 0.94 -2.04
C ARG B 49 17.18 1.19 -3.50
N GLU B 50 16.35 1.95 -4.19
CA GLU B 50 16.58 2.29 -5.58
C GLU B 50 17.98 2.82 -5.80
N SER B 51 18.44 3.66 -4.87
CA SER B 51 19.77 4.26 -4.97
C SER B 51 20.91 3.27 -4.72
N ILE B 52 20.73 2.32 -3.82
CA ILE B 52 21.81 1.34 -3.56
C ILE B 52 21.86 0.35 -4.71
N ILE B 53 20.70 -0.11 -5.14
CA ILE B 53 20.55 -1.05 -6.23
C ILE B 53 21.17 -0.52 -7.54
N VAL B 54 20.79 0.70 -7.94
CA VAL B 54 21.32 1.30 -9.16
C VAL B 54 22.83 1.48 -9.05
N SER B 55 23.30 1.75 -7.84
CA SER B 55 24.71 1.93 -7.57
C SER B 55 25.39 0.57 -7.67
N SER B 56 24.92 -0.40 -6.91
CA SER B 56 25.48 -1.74 -6.92
C SER B 56 25.46 -2.35 -8.32
N SER B 57 24.31 -2.20 -9.00
CA SER B 57 24.15 -2.72 -10.35
C SER B 57 25.15 -2.13 -11.34
N ARG B 58 25.40 -0.83 -11.23
CA ARG B 58 26.32 -0.21 -12.15
C ARG B 58 27.72 -0.75 -11.94
N ALA B 59 28.08 -1.01 -10.70
CA ALA B 59 29.41 -1.55 -10.42
C ALA B 59 29.51 -2.92 -11.08
N LEU B 60 28.57 -3.81 -10.82
CA LEU B 60 28.59 -5.13 -11.43
C LEU B 60 28.62 -4.99 -12.96
N GLY B 61 27.91 -3.99 -13.47
CA GLY B 61 27.90 -3.76 -14.90
C GLY B 61 29.32 -3.48 -15.35
N ALA B 62 29.95 -2.50 -14.72
CA ALA B 62 31.32 -2.14 -15.08
C ALA B 62 32.23 -3.38 -15.08
N VAL B 63 31.94 -4.37 -14.25
CA VAL B 63 32.78 -5.57 -14.25
C VAL B 63 32.46 -6.44 -15.46
N ALA B 64 31.17 -6.64 -15.72
CA ALA B 64 30.74 -7.46 -16.85
C ALA B 64 31.29 -6.82 -18.11
N MSE B 65 31.33 -5.49 -18.10
CA MSE B 65 31.80 -4.72 -19.23
C MSE B 65 33.29 -4.95 -19.49
O MSE B 65 33.73 -4.97 -20.65
CB MSE B 65 31.51 -3.25 -18.97
CG MSE B 65 30.73 -2.57 -20.04
SE MSE B 65 31.79 -2.36 -21.61
CE MSE B 65 31.52 -0.48 -21.89
N ARG B 66 34.02 -5.14 -18.42
CA ARG B 66 35.47 -5.33 -18.47
C ARG B 66 35.88 -6.66 -19.06
N LYS B 67 35.17 -7.73 -18.72
CA LYS B 67 35.55 -9.04 -19.27
C LYS B 67 34.93 -9.30 -20.64
N ILE B 68 33.84 -8.60 -20.96
CA ILE B 68 33.25 -8.74 -22.28
C ILE B 68 34.26 -8.21 -23.28
N GLU B 69 34.81 -7.03 -23.03
CA GLU B 69 35.81 -6.49 -23.96
C GLU B 69 36.95 -7.48 -24.10
N ALA B 70 37.19 -8.25 -23.05
CA ALA B 70 38.26 -9.23 -23.08
C ALA B 70 37.92 -10.40 -23.99
N LYS B 71 36.68 -10.88 -23.91
CA LYS B 71 36.25 -11.98 -24.75
C LYS B 71 36.10 -11.60 -26.23
N VAL B 72 35.62 -10.38 -26.48
CA VAL B 72 35.45 -9.91 -27.84
C VAL B 72 36.83 -9.74 -28.49
N ARG B 73 37.70 -9.00 -27.82
CA ARG B 73 39.04 -8.75 -28.37
C ARG B 73 39.75 -10.06 -28.67
N SER B 74 39.66 -11.01 -27.75
CA SER B 74 40.28 -12.31 -27.91
C SER B 74 39.65 -13.08 -29.06
N ARG B 75 38.37 -12.86 -29.29
CA ARG B 75 37.66 -13.62 -30.24
C ARG B 75 37.84 -12.96 -31.58
N ALA B 76 38.49 -11.80 -31.57
CA ALA B 76 38.78 -11.08 -32.81
C ALA B 76 40.17 -11.45 -33.33
N ALA B 77 40.65 -12.62 -32.95
CA ALA B 77 42.02 -13.02 -33.24
C ALA B 77 42.20 -13.37 -34.72
N LYS B 78 41.66 -14.52 -35.11
CA LYS B 78 41.83 -15.02 -36.48
C LYS B 78 41.29 -14.02 -37.49
N ALA B 79 40.63 -12.97 -37.00
CA ALA B 79 39.92 -12.04 -37.86
C ALA B 79 40.87 -11.02 -38.47
N VAL B 80 40.92 -10.97 -39.80
CA VAL B 80 41.94 -10.20 -40.50
C VAL B 80 41.32 -9.36 -41.62
N THR B 81 40.11 -9.74 -42.04
CA THR B 81 39.38 -8.99 -43.04
C THR B 81 38.12 -8.41 -42.40
N GLU B 82 37.49 -7.47 -43.07
CA GLU B 82 36.28 -6.83 -42.56
C GLU B 82 35.02 -7.66 -42.70
N GLN B 83 34.94 -8.50 -43.72
CA GLN B 83 33.76 -9.35 -43.88
C GLN B 83 33.82 -10.50 -42.87
N GLU B 84 35.04 -10.99 -42.63
CA GLU B 84 35.24 -12.08 -41.68
C GLU B 84 34.80 -11.68 -40.28
N LEU B 85 35.04 -10.42 -39.93
CA LEU B 85 34.68 -9.92 -38.61
C LEU B 85 33.19 -9.54 -38.59
N THR B 86 32.64 -9.23 -39.76
CA THR B 86 31.22 -8.90 -39.84
C THR B 86 30.45 -10.19 -39.66
N SER B 87 30.86 -11.22 -40.41
CA SER B 87 30.21 -12.51 -40.27
C SER B 87 30.26 -12.94 -38.79
N LEU B 88 31.48 -12.96 -38.24
CA LEU B 88 31.73 -13.32 -36.84
C LEU B 88 30.90 -12.58 -35.80
N LEU B 89 30.79 -11.26 -35.97
CA LEU B 89 30.04 -10.43 -35.02
C LEU B 89 28.54 -10.41 -35.25
N GLN B 90 28.08 -11.12 -36.27
CA GLN B 90 26.67 -11.18 -36.60
C GLN B 90 25.88 -11.68 -35.39
N SER B 91 26.29 -12.81 -34.84
CA SER B 91 25.59 -13.39 -33.70
C SER B 91 26.47 -13.84 -32.53
N LEU B 92 27.68 -13.29 -32.44
CA LEU B 92 28.60 -13.63 -31.36
C LEU B 92 27.89 -13.63 -30.02
N THR B 93 28.17 -14.65 -29.20
CA THR B 93 27.55 -14.74 -27.88
C THR B 93 28.59 -14.99 -26.80
N LEU B 94 28.35 -14.45 -25.61
CA LEU B 94 29.29 -14.62 -24.53
C LEU B 94 28.59 -14.95 -23.22
N ARG B 95 29.22 -15.81 -22.43
CA ARG B 95 28.69 -16.17 -21.12
C ARG B 95 29.52 -15.33 -20.18
N VAL B 96 28.89 -14.60 -19.28
CA VAL B 96 29.66 -13.76 -18.38
C VAL B 96 29.15 -13.82 -16.96
N ASP B 97 30.11 -13.97 -16.05
CA ASP B 97 29.83 -14.09 -14.62
C ASP B 97 30.40 -12.89 -13.87
N VAL B 98 29.56 -12.28 -13.05
CA VAL B 98 29.97 -11.14 -12.24
C VAL B 98 29.54 -11.39 -10.81
N SER B 99 30.46 -11.15 -9.91
CA SER B 99 30.21 -11.37 -8.49
C SER B 99 30.52 -10.10 -7.73
N MSE B 100 29.67 -9.78 -6.76
CA MSE B 100 29.91 -8.59 -5.98
C MSE B 100 31.27 -8.72 -5.32
O MSE B 100 31.94 -7.71 -5.09
CB MSE B 100 28.82 -8.41 -4.93
CG MSE B 100 27.63 -7.65 -5.44
SE MSE B 100 28.10 -5.88 -6.09
CE MSE B 100 27.63 -4.85 -4.53
N GLU B 101 31.67 -9.94 -5.04
CA GLU B 101 32.97 -10.22 -4.41
C GLU B 101 34.18 -9.69 -5.18
N GLU B 102 33.94 -9.23 -6.42
CA GLU B 102 35.02 -8.71 -7.24
C GLU B 102 35.15 -7.18 -7.07
N THR C 9 -26.52 15.93 10.29
CA THR C 9 -25.74 15.39 11.36
C THR C 9 -24.72 14.65 10.64
N TYR C 10 -23.73 14.07 11.30
CA TYR C 10 -22.75 13.30 10.57
C TYR C 10 -23.37 12.01 10.05
N GLU C 11 -24.29 11.44 10.82
CA GLU C 11 -24.95 10.20 10.42
C GLU C 11 -25.72 10.39 9.13
N GLU C 12 -26.53 11.44 9.09
CA GLU C 12 -27.34 11.72 7.91
C GLU C 12 -26.50 12.09 6.71
N MSE C 13 -25.45 12.86 6.94
CA MSE C 13 -24.56 13.24 5.84
C MSE C 13 -23.90 12.03 5.22
O MSE C 13 -23.89 11.85 4.01
CB MSE C 13 -23.46 14.18 6.37
CG MSE C 13 -23.84 15.63 6.31
SE MSE C 13 -24.03 16.19 4.49
CE MSE C 13 -25.93 16.01 4.32
N VAL C 14 -23.36 11.17 6.09
CA VAL C 14 -22.69 9.97 5.66
C VAL C 14 -23.63 8.98 5.00
N LYS C 15 -24.78 8.74 5.62
CA LYS C 15 -25.73 7.81 5.05
C LYS C 15 -26.06 8.25 3.65
N GLU C 16 -26.22 9.56 3.45
CA GLU C 16 -26.54 10.07 2.13
C GLU C 16 -25.37 9.94 1.14
N VAL C 17 -24.19 10.41 1.51
CA VAL C 17 -23.05 10.29 0.60
C VAL C 17 -22.91 8.84 0.19
N GLU C 18 -23.02 7.96 1.18
CA GLU C 18 -22.90 6.53 0.95
C GLU C 18 -23.95 6.04 -0.03
N ARG C 19 -25.20 6.45 0.15
CA ARG C 19 -26.27 6.03 -0.75
C ARG C 19 -25.98 6.46 -2.18
N LEU C 20 -25.62 7.73 -2.38
CA LEU C 20 -25.32 8.23 -3.72
C LEU C 20 -24.14 7.50 -4.36
N LYS C 21 -23.23 6.99 -3.54
CA LYS C 21 -22.08 6.27 -4.08
C LYS C 21 -22.41 4.83 -4.50
N LEU C 22 -23.43 4.25 -3.86
CA LEU C 22 -23.85 2.90 -4.22
C LEU C 22 -24.64 3.00 -5.52
N GLU C 23 -25.54 3.97 -5.59
CA GLU C 23 -26.35 4.23 -6.78
C GLU C 23 -25.43 4.65 -7.93
N ASN C 24 -24.34 5.34 -7.59
CA ASN C 24 -23.39 5.76 -8.61
C ASN C 24 -22.72 4.49 -9.11
N LYS C 25 -22.46 3.57 -8.18
CA LYS C 25 -21.81 2.31 -8.53
C LYS C 25 -22.67 1.46 -9.46
N THR C 26 -23.94 1.34 -9.16
CA THR C 26 -24.84 0.56 -10.00
C THR C 26 -25.03 1.19 -11.39
N LEU C 27 -25.08 2.52 -11.47
CA LEU C 27 -25.25 3.18 -12.77
C LEU C 27 -24.03 3.03 -13.67
N LYS C 28 -22.84 3.10 -13.07
CA LYS C 28 -21.61 2.93 -13.84
C LYS C 28 -21.51 1.47 -14.34
N GLN C 29 -22.03 0.55 -13.54
CA GLN C 29 -22.03 -0.87 -13.89
C GLN C 29 -23.00 -1.12 -15.04
N LYS C 30 -24.04 -0.28 -15.14
CA LYS C 30 -25.03 -0.43 -16.19
C LYS C 30 -24.56 0.06 -17.55
N VAL C 31 -23.85 1.18 -17.60
CA VAL C 31 -23.38 1.68 -18.88
C VAL C 31 -22.20 0.86 -19.42
N LYS C 32 -22.39 -0.46 -19.47
CA LYS C 32 -21.36 -1.37 -19.96
C LYS C 32 -21.63 -1.84 -21.38
N SER C 39 -13.11 0.07 -14.85
CA SER C 39 -12.96 0.94 -16.01
C SER C 39 -13.22 2.39 -15.63
N ASP C 40 -14.35 2.63 -14.98
CA ASP C 40 -14.71 3.97 -14.55
C ASP C 40 -14.48 4.08 -13.03
N ASP C 41 -13.97 3.00 -12.44
CA ASP C 41 -13.70 2.95 -11.01
C ASP C 41 -12.26 3.37 -10.73
N SER C 42 -12.08 4.65 -10.36
CA SER C 42 -10.76 5.21 -10.07
C SER C 42 -10.11 4.68 -8.80
N ILE C 43 -8.79 4.82 -8.72
CA ILE C 43 -8.09 4.39 -7.52
C ILE C 43 -8.17 5.52 -6.52
N LEU C 44 -8.28 5.16 -5.25
CA LEU C 44 -8.38 6.15 -4.18
C LEU C 44 -7.10 6.96 -4.04
N THR C 45 -7.25 8.21 -3.62
CA THR C 45 -6.09 9.07 -3.40
C THR C 45 -5.85 9.14 -1.89
N ALA C 46 -4.61 9.32 -1.49
CA ALA C 46 -4.25 9.38 -0.09
C ALA C 46 -5.23 10.22 0.73
N ALA C 47 -5.56 11.41 0.22
CA ALA C 47 -6.48 12.30 0.91
C ALA C 47 -7.91 11.79 0.88
N LYS C 48 -8.36 11.37 -0.29
CA LYS C 48 -9.72 10.86 -0.46
C LYS C 48 -9.97 9.71 0.51
N ARG C 49 -9.04 8.76 0.55
CA ARG C 49 -9.18 7.62 1.44
C ARG C 49 -9.31 8.09 2.89
N GLU C 50 -8.35 8.91 3.31
CA GLU C 50 -8.32 9.47 4.65
C GLU C 50 -9.61 10.22 4.97
N SER C 51 -10.09 10.97 3.99
CA SER C 51 -11.33 11.73 4.14
C SER C 51 -12.47 10.78 4.42
N ILE C 52 -12.53 9.68 3.67
CA ILE C 52 -13.57 8.68 3.83
C ILE C 52 -13.47 8.01 5.20
N ILE C 53 -12.25 7.77 5.65
CA ILE C 53 -12.04 7.14 6.95
C ILE C 53 -12.47 8.05 8.10
N VAL C 54 -12.07 9.31 8.06
CA VAL C 54 -12.44 10.25 9.12
C VAL C 54 -13.96 10.43 9.23
N SER C 55 -14.66 10.44 8.10
CA SER C 55 -16.11 10.60 8.12
C SER C 55 -16.83 9.36 8.64
N SER C 56 -16.53 8.20 8.03
CA SER C 56 -17.16 6.94 8.44
C SER C 56 -16.99 6.73 9.94
N SER C 57 -15.77 6.96 10.41
CA SER C 57 -15.47 6.79 11.82
C SER C 57 -16.38 7.68 12.65
N ARG C 58 -16.46 8.95 12.28
CA ARG C 58 -17.29 9.90 12.98
C ARG C 58 -18.78 9.51 12.96
N ALA C 59 -19.27 9.06 11.82
CA ALA C 59 -20.67 8.65 11.73
C ALA C 59 -20.88 7.47 12.68
N LEU C 60 -20.05 6.45 12.54
CA LEU C 60 -20.13 5.28 13.41
C LEU C 60 -19.93 5.71 14.86
N GLY C 61 -19.16 6.76 15.06
CA GLY C 61 -18.92 7.27 16.41
C GLY C 61 -20.21 7.81 17.00
N ALA C 62 -21.00 8.49 16.18
CA ALA C 62 -22.28 9.04 16.62
C ALA C 62 -23.20 7.93 17.08
N VAL C 63 -23.23 6.85 16.28
CA VAL C 63 -24.07 5.71 16.62
C VAL C 63 -23.59 5.17 17.94
N ALA C 64 -22.28 5.08 18.09
CA ALA C 64 -21.69 4.59 19.33
C ALA C 64 -22.10 5.50 20.48
N MSE C 65 -22.02 6.81 20.27
CA MSE C 65 -22.38 7.75 21.33
C MSE C 65 -23.78 7.50 21.83
O MSE C 65 -23.96 7.16 22.99
CB MSE C 65 -22.28 9.21 20.87
CG MSE C 65 -21.26 10.08 21.63
SE MSE C 65 -21.41 10.11 23.59
CE MSE C 65 -22.68 11.56 23.81
N ARG C 66 -24.77 7.65 20.96
CA ARG C 66 -26.16 7.45 21.36
C ARG C 66 -26.46 6.08 21.98
N LYS C 67 -25.88 5.00 21.45
CA LYS C 67 -26.12 3.69 22.06
C LYS C 67 -25.56 3.70 23.48
N ILE C 68 -24.34 4.20 23.62
CA ILE C 68 -23.67 4.27 24.92
C ILE C 68 -24.44 5.08 25.95
N GLU C 69 -24.96 6.23 25.54
CA GLU C 69 -25.72 7.06 26.48
C GLU C 69 -26.96 6.32 26.93
N ALA C 70 -27.64 5.69 25.98
CA ALA C 70 -28.84 4.96 26.30
C ALA C 70 -28.55 3.87 27.33
N LYS C 71 -27.60 2.98 27.03
CA LYS C 71 -27.26 1.89 27.97
C LYS C 71 -26.85 2.41 29.34
N VAL C 72 -25.95 3.39 29.34
CA VAL C 72 -25.50 3.98 30.58
C VAL C 72 -26.69 4.51 31.33
N ARG C 73 -27.43 5.40 30.69
CA ARG C 73 -28.62 5.97 31.31
C ARG C 73 -29.50 4.83 31.86
N SER C 74 -29.62 3.78 31.07
CA SER C 74 -30.44 2.65 31.45
C SER C 74 -29.90 1.87 32.66
N ARG C 75 -28.61 1.60 32.67
CA ARG C 75 -28.01 0.85 33.79
C ARG C 75 -27.70 1.64 35.05
N ALA C 76 -27.72 2.96 34.97
CA ALA C 76 -27.44 3.77 36.15
C ALA C 76 -28.73 4.16 36.82
N ALA C 77 -29.84 3.86 36.19
CA ALA C 77 -31.15 4.22 36.72
C ALA C 77 -31.39 3.79 38.16
N LYS C 78 -30.86 2.62 38.54
CA LYS C 78 -31.06 2.11 39.89
C LYS C 78 -30.33 2.89 40.98
N ALA C 79 -29.26 3.59 40.62
CA ALA C 79 -28.49 4.37 41.57
C ALA C 79 -29.35 5.51 42.12
N VAL C 80 -29.15 5.81 43.39
CA VAL C 80 -29.92 6.85 44.05
C VAL C 80 -29.04 7.80 44.85
N THR C 81 -27.76 7.48 44.94
CA THR C 81 -26.82 8.34 45.67
C THR C 81 -25.65 8.70 44.77
N GLU C 82 -24.95 9.76 45.13
CA GLU C 82 -23.80 10.25 44.38
C GLU C 82 -22.75 9.13 44.38
N GLN C 83 -22.60 8.49 45.54
CA GLN C 83 -21.64 7.39 45.71
C GLN C 83 -22.05 6.22 44.83
N GLU C 84 -23.30 5.79 44.98
CA GLU C 84 -23.82 4.69 44.20
C GLU C 84 -23.65 4.95 42.70
N LEU C 85 -24.09 6.11 42.24
CA LEU C 85 -23.98 6.45 40.83
C LEU C 85 -22.55 6.40 40.34
N THR C 86 -21.63 6.99 41.09
CA THR C 86 -20.24 6.98 40.67
C THR C 86 -19.64 5.59 40.76
N SER C 87 -20.07 4.83 41.75
CA SER C 87 -19.56 3.46 41.89
C SER C 87 -20.01 2.61 40.70
N LEU C 88 -21.29 2.71 40.35
CA LEU C 88 -21.85 1.94 39.24
C LEU C 88 -21.23 2.31 37.89
N LEU C 89 -21.09 3.60 37.60
CA LEU C 89 -20.51 4.01 36.33
C LEU C 89 -19.09 3.50 36.16
N GLN C 90 -18.26 3.65 37.18
CA GLN C 90 -16.86 3.19 37.15
C GLN C 90 -16.77 1.72 36.75
N SER C 91 -17.58 0.89 37.39
CA SER C 91 -17.56 -0.53 37.10
C SER C 91 -18.23 -0.92 35.78
N LEU C 92 -18.79 0.04 35.06
CA LEU C 92 -19.44 -0.27 33.78
C LEU C 92 -18.52 -0.58 32.61
N THR C 93 -18.88 -1.63 31.89
CA THR C 93 -18.16 -2.05 30.69
C THR C 93 -19.29 -2.33 29.71
N LEU C 94 -19.22 -1.72 28.53
CA LEU C 94 -20.27 -1.91 27.54
C LEU C 94 -19.75 -2.40 26.22
N ARG C 95 -20.41 -3.43 25.69
CA ARG C 95 -20.05 -3.97 24.40
C ARG C 95 -21.01 -3.27 23.44
N VAL C 96 -20.46 -2.65 22.41
CA VAL C 96 -21.29 -1.91 21.47
C VAL C 96 -21.08 -2.34 20.03
N ASP C 97 -22.18 -2.62 19.34
CA ASP C 97 -22.10 -2.98 17.95
C ASP C 97 -22.53 -1.77 17.15
N VAL C 98 -21.80 -1.48 16.08
CA VAL C 98 -22.15 -0.35 15.22
C VAL C 98 -22.06 -0.77 13.76
N SER C 99 -22.98 -0.25 12.96
CA SER C 99 -23.01 -0.56 11.54
C SER C 99 -23.31 0.64 10.69
N MSE C 100 -22.75 0.63 9.47
CA MSE C 100 -22.98 1.71 8.52
C MSE C 100 -24.45 1.71 8.15
O MSE C 100 -25.02 2.73 7.78
CB MSE C 100 -22.14 1.49 7.25
CG MSE C 100 -20.67 1.87 7.38
SE MSE C 100 -20.40 3.77 7.70
CE MSE C 100 -20.54 4.46 5.91
N GLU C 101 -25.08 0.55 8.26
CA GLU C 101 -26.49 0.44 7.91
C GLU C 101 -27.41 0.87 9.05
N GLU C 102 -26.84 1.36 10.16
CA GLU C 102 -27.66 1.83 11.28
C GLU C 102 -27.73 3.36 11.34
N LEU C 103 -27.10 4.04 10.40
CA LEU C 103 -27.12 5.49 10.35
C LEU C 103 -28.57 5.92 10.07
N ASP D 7 -52.07 7.04 22.99
CA ASP D 7 -53.33 7.82 23.23
C ASP D 7 -53.82 7.64 24.67
N LYS D 8 -54.21 6.41 25.00
CA LYS D 8 -54.69 6.12 26.35
C LYS D 8 -53.57 5.59 27.23
N THR D 9 -52.67 4.79 26.66
CA THR D 9 -51.57 4.28 27.44
C THR D 9 -50.47 5.34 27.56
N TYR D 10 -50.65 6.45 26.84
CA TYR D 10 -49.69 7.54 26.92
C TYR D 10 -50.25 8.55 27.92
N GLU D 11 -51.55 8.73 27.85
CA GLU D 11 -52.26 9.63 28.74
C GLU D 11 -51.98 9.06 30.13
N GLU D 12 -51.90 7.74 30.19
CA GLU D 12 -51.64 7.02 31.43
C GLU D 12 -50.23 7.26 31.96
N MSE D 13 -49.23 7.17 31.10
CA MSE D 13 -47.85 7.36 31.50
C MSE D 13 -47.56 8.76 32.09
O MSE D 13 -46.73 8.89 32.98
CB MSE D 13 -46.91 7.10 30.33
CG MSE D 13 -46.89 5.67 29.85
SE MSE D 13 -45.37 5.33 28.70
CE MSE D 13 -46.04 6.12 27.07
N VAL D 14 -48.22 9.78 31.57
CA VAL D 14 -47.99 11.13 32.07
C VAL D 14 -48.33 11.20 33.57
N LYS D 15 -49.46 10.61 33.96
CA LYS D 15 -49.87 10.60 35.36
C LYS D 15 -48.81 9.86 36.12
N GLU D 16 -48.50 8.67 35.63
CA GLU D 16 -47.51 7.80 36.22
C GLU D 16 -46.21 8.53 36.45
N VAL D 17 -45.75 9.26 35.43
CA VAL D 17 -44.49 9.98 35.53
C VAL D 17 -44.43 10.90 36.74
N GLU D 18 -45.56 11.43 37.18
CA GLU D 18 -45.51 12.30 38.32
C GLU D 18 -45.92 11.66 39.64
N ARG D 19 -46.80 10.66 39.63
CA ARG D 19 -47.15 10.02 40.89
C ARG D 19 -45.80 9.54 41.43
N LEU D 20 -44.94 9.16 40.49
CA LEU D 20 -43.61 8.65 40.79
C LEU D 20 -42.61 9.68 41.25
N LYS D 21 -42.47 10.80 40.54
CA LYS D 21 -41.49 11.78 41.00
C LYS D 21 -42.06 12.47 42.20
N LEU D 22 -43.33 12.19 42.49
CA LEU D 22 -43.98 12.78 43.64
C LEU D 22 -43.62 11.94 44.87
N GLU D 23 -43.92 10.65 44.84
CA GLU D 23 -43.58 9.82 45.99
C GLU D 23 -42.08 9.53 46.05
N ASN D 24 -41.40 9.73 44.93
CA ASN D 24 -39.96 9.50 44.90
C ASN D 24 -39.28 10.57 45.72
N LYS D 25 -39.90 11.75 45.77
CA LYS D 25 -39.36 12.85 46.56
C LYS D 25 -39.75 12.61 48.01
N THR D 26 -40.88 11.95 48.22
CA THR D 26 -41.33 11.63 49.58
C THR D 26 -40.40 10.55 50.09
N LEU D 27 -40.05 9.62 49.21
CA LEU D 27 -39.16 8.52 49.56
C LEU D 27 -37.76 9.04 49.82
N LYS D 28 -37.33 10.03 49.05
CA LYS D 28 -36.00 10.60 49.23
C LYS D 28 -35.85 11.31 50.58
N GLN D 29 -36.91 11.97 51.03
CA GLN D 29 -36.86 12.65 52.33
C GLN D 29 -36.65 11.60 53.41
N LYS D 30 -37.60 10.69 53.54
CA LYS D 30 -37.52 9.62 54.53
C LYS D 30 -36.14 8.97 54.55
N VAL D 31 -35.62 8.64 53.38
CA VAL D 31 -34.31 8.01 53.27
C VAL D 31 -33.23 8.85 53.93
N LYS D 32 -33.31 10.17 53.77
CA LYS D 32 -32.33 11.07 54.34
C LYS D 32 -32.44 11.23 55.84
N SER D 33 -32.99 10.20 56.48
CA SER D 33 -33.14 10.16 57.92
C SER D 33 -32.63 8.79 58.38
N SER D 34 -31.36 8.53 58.12
CA SER D 34 -30.66 7.28 58.45
C SER D 34 -29.69 6.88 57.33
N SER D 42 -24.60 10.48 49.40
CA SER D 42 -25.43 11.67 49.25
C SER D 42 -26.48 11.47 48.15
N ILE D 43 -27.72 11.83 48.45
CA ILE D 43 -28.81 11.69 47.49
C ILE D 43 -28.63 12.52 46.25
N LEU D 44 -28.98 11.92 45.11
CA LEU D 44 -28.83 12.56 43.80
C LEU D 44 -30.02 13.38 43.27
N THR D 45 -29.71 14.32 42.40
CA THR D 45 -30.72 15.17 41.79
C THR D 45 -30.66 14.97 40.27
N ALA D 46 -31.72 15.39 39.57
CA ALA D 46 -31.78 15.27 38.11
C ALA D 46 -30.60 15.98 37.48
N ALA D 47 -30.30 17.16 37.99
CA ALA D 47 -29.18 17.96 37.49
C ALA D 47 -27.85 17.25 37.73
N LYS D 48 -27.68 16.73 38.94
CA LYS D 48 -26.45 16.05 39.31
C LYS D 48 -26.30 14.77 38.48
N ARG D 49 -27.41 14.04 38.35
CA ARG D 49 -27.42 12.81 37.57
C ARG D 49 -27.04 13.21 36.16
N GLU D 50 -27.95 13.94 35.51
CA GLU D 50 -27.74 14.42 34.15
C GLU D 50 -26.33 14.90 33.90
N SER D 51 -25.74 15.59 34.87
CA SER D 51 -24.38 16.12 34.72
C SER D 51 -23.31 15.04 34.78
N ILE D 52 -23.42 14.17 35.77
CA ILE D 52 -22.44 13.10 35.96
C ILE D 52 -22.51 12.07 34.82
N ILE D 53 -23.72 11.69 34.44
CA ILE D 53 -23.93 10.72 33.37
C ILE D 53 -23.55 11.21 31.97
N VAL D 54 -24.03 12.41 31.61
CA VAL D 54 -23.74 12.96 30.28
C VAL D 54 -22.25 13.19 30.14
N SER D 55 -21.56 13.25 31.26
CA SER D 55 -20.12 13.48 31.27
C SER D 55 -19.41 12.15 31.03
N SER D 56 -19.87 11.11 31.73
CA SER D 56 -19.30 9.78 31.61
C SER D 56 -19.60 9.18 30.24
N SER D 57 -20.80 9.42 29.73
CA SER D 57 -21.22 8.91 28.44
C SER D 57 -20.33 9.49 27.36
N ARG D 58 -20.05 10.79 27.48
CA ARG D 58 -19.21 11.46 26.52
C ARG D 58 -17.77 11.00 26.62
N ALA D 59 -17.39 10.48 27.78
CA ALA D 59 -16.04 9.98 27.95
C ALA D 59 -15.97 8.66 27.19
N LEU D 60 -16.88 7.74 27.52
CA LEU D 60 -16.95 6.45 26.85
C LEU D 60 -17.08 6.65 25.34
N GLY D 61 -17.84 7.67 24.95
CA GLY D 61 -18.01 7.93 23.53
C GLY D 61 -16.67 8.18 22.85
N ALA D 62 -15.86 9.04 23.44
CA ALA D 62 -14.56 9.35 22.87
C ALA D 62 -13.71 8.09 22.72
N VAL D 63 -13.74 7.22 23.72
CA VAL D 63 -12.96 5.99 23.64
C VAL D 63 -13.48 5.11 22.50
N ALA D 64 -14.78 4.96 22.39
CA ALA D 64 -15.35 4.15 21.32
C ALA D 64 -14.93 4.76 20.00
N MSE D 65 -15.20 6.05 19.87
CA MSE D 65 -14.88 6.81 18.68
C MSE D 65 -13.40 6.66 18.31
O MSE D 65 -13.02 6.80 17.14
CB MSE D 65 -15.21 8.29 18.94
CG MSE D 65 -16.02 8.93 17.84
SE MSE D 65 -15.00 9.08 16.24
CE MSE D 65 -14.21 10.80 16.56
N ARG D 66 -12.57 6.37 19.30
CA ARG D 66 -11.14 6.23 19.08
C ARG D 66 -10.81 4.85 18.53
N LYS D 67 -11.47 3.82 19.06
CA LYS D 67 -11.24 2.46 18.61
C LYS D 67 -11.89 2.23 17.26
N ILE D 68 -13.11 2.73 17.12
CA ILE D 68 -13.86 2.62 15.86
C ILE D 68 -12.95 3.03 14.71
N GLU D 69 -12.38 4.23 14.81
CA GLU D 69 -11.50 4.70 13.76
C GLU D 69 -10.38 3.71 13.47
N ALA D 70 -9.98 2.95 14.47
CA ALA D 70 -8.91 1.99 14.29
C ALA D 70 -9.39 0.76 13.54
N LYS D 71 -10.55 0.23 13.92
CA LYS D 71 -11.07 -0.95 13.25
C LYS D 71 -11.57 -0.61 11.84
N VAL D 72 -11.66 0.69 11.55
CA VAL D 72 -12.12 1.11 10.24
C VAL D 72 -10.94 1.22 9.31
N ARG D 73 -9.94 2.00 9.70
CA ARG D 73 -8.77 2.16 8.86
C ARG D 73 -8.15 0.80 8.54
N SER D 74 -8.31 -0.15 9.46
CA SER D 74 -7.75 -1.49 9.27
C SER D 74 -8.56 -2.33 8.29
N ARG D 75 -9.88 -2.24 8.38
CA ARG D 75 -10.75 -3.00 7.49
C ARG D 75 -10.89 -2.27 6.16
N ALA D 76 -10.60 -0.97 6.18
CA ALA D 76 -10.68 -0.16 4.97
C ALA D 76 -9.50 -0.49 4.07
N ALA D 77 -8.43 -1.00 4.67
CA ALA D 77 -7.20 -1.37 3.97
C ALA D 77 -7.41 -2.47 2.93
N LYS D 78 -8.43 -3.28 3.11
CA LYS D 78 -8.74 -4.34 2.16
C LYS D 78 -9.10 -3.71 0.80
N ALA D 79 -9.96 -2.69 0.85
CA ALA D 79 -10.39 -1.98 -0.36
C ALA D 79 -9.30 -1.04 -0.83
N VAL D 80 -9.32 -0.67 -2.11
CA VAL D 80 -8.32 0.21 -2.68
C VAL D 80 -8.91 1.20 -3.69
N THR D 81 -9.97 0.80 -4.35
CA THR D 81 -10.59 1.66 -5.34
C THR D 81 -11.90 2.23 -4.81
N GLU D 82 -12.51 3.11 -5.60
CA GLU D 82 -13.78 3.74 -5.25
C GLU D 82 -14.91 2.76 -4.97
N GLN D 83 -15.05 1.76 -5.83
CA GLN D 83 -16.12 0.77 -5.68
C GLN D 83 -15.94 -0.23 -4.56
N GLU D 84 -14.70 -0.65 -4.31
CA GLU D 84 -14.47 -1.60 -3.23
C GLU D 84 -14.82 -0.90 -1.94
N LEU D 85 -14.32 0.32 -1.79
CA LEU D 85 -14.56 1.10 -0.60
C LEU D 85 -16.05 1.36 -0.38
N THR D 86 -16.75 1.76 -1.46
CA THR D 86 -18.17 2.03 -1.40
C THR D 86 -18.91 0.75 -1.03
N SER D 87 -18.53 -0.34 -1.69
CA SER D 87 -19.12 -1.64 -1.47
C SER D 87 -18.90 -2.11 -0.03
N LEU D 88 -17.65 -1.98 0.44
CA LEU D 88 -17.28 -2.38 1.79
C LEU D 88 -18.03 -1.53 2.83
N LEU D 89 -18.07 -0.22 2.60
CA LEU D 89 -18.73 0.69 3.53
C LEU D 89 -20.27 0.76 3.42
N GLN D 90 -20.87 -0.19 2.71
CA GLN D 90 -22.32 -0.20 2.60
C GLN D 90 -22.94 -0.75 3.88
N SER D 91 -22.27 -1.71 4.50
CA SER D 91 -22.81 -2.27 5.73
C SER D 91 -21.75 -2.82 6.69
N LEU D 92 -20.61 -2.14 6.71
CA LEU D 92 -19.50 -2.51 7.59
C LEU D 92 -20.00 -2.52 9.05
N THR D 93 -19.66 -3.57 9.78
CA THR D 93 -20.11 -3.68 11.16
C THR D 93 -18.96 -3.96 12.10
N LEU D 94 -18.93 -3.23 13.21
CA LEU D 94 -17.86 -3.37 14.18
C LEU D 94 -18.37 -3.58 15.60
N ARG D 95 -17.56 -4.26 16.39
CA ARG D 95 -17.88 -4.52 17.79
C ARG D 95 -16.79 -3.84 18.61
N VAL D 96 -17.19 -3.05 19.59
CA VAL D 96 -16.24 -2.34 20.42
C VAL D 96 -16.61 -2.42 21.89
N ASP D 97 -15.59 -2.65 22.72
CA ASP D 97 -15.77 -2.72 24.16
C ASP D 97 -15.05 -1.53 24.78
N VAL D 98 -15.83 -0.62 25.36
CA VAL D 98 -15.23 0.54 25.99
C VAL D 98 -15.59 0.52 27.49
N SER D 99 -14.81 1.23 28.29
CA SER D 99 -15.06 1.28 29.74
C SER D 99 -14.39 2.53 30.33
N MSE D 100 -14.90 3.01 31.45
CA MSE D 100 -14.33 4.21 32.09
C MSE D 100 -12.82 4.21 32.08
O MSE D 100 -12.18 5.20 31.70
CB MSE D 100 -14.83 4.34 33.53
CG MSE D 100 -16.31 4.65 33.64
SE MSE D 100 -16.81 6.28 32.75
CE MSE D 100 -16.79 7.46 34.28
N GLU D 101 -12.23 3.10 32.48
CA GLU D 101 -10.78 2.98 32.49
C GLU D 101 -10.32 2.91 31.04
#